data_6T8A
#
_entry.id   6T8A
#
_cell.length_a   70.570
_cell.length_b   71.302
_cell.length_c   72.651
_cell.angle_alpha   90.000
_cell.angle_beta   100.610
_cell.angle_gamma   90.000
#
_symmetry.space_group_name_H-M   'C 1 2 1'
#
loop_
_entity.id
_entity.type
_entity.pdbx_description
1 polymer Prothrombin
2 polymer Prothrombin
3 polymer 'Hirudin variant-2'
4 non-polymer '[(~{R})-(4-carbamimidoylphenyl)-[[(2~{S})-1-[(2~{R})-3-cyclohexyl-2-[(phenylmethyl)sulfonylamino]propanoyl]pyrrolidin-2-yl]carbonylamino]methyl]-phenoxy-phosphinous acid'
5 non-polymer 2-acetamido-2-deoxy-beta-D-glucopyranose
6 non-polymer 'SODIUM ION'
7 non-polymer 'PHOSPHATE ION'
8 non-polymer 'DIMETHYL SULFOXIDE'
9 water water
#
loop_
_entity_poly.entity_id
_entity_poly.type
_entity_poly.pdbx_seq_one_letter_code
_entity_poly.pdbx_strand_id
1 'polypeptide(L)' TFGSGEADCGLRPLFEKKSLEDKTERELLESYIDGR L
2 'polypeptide(L)'
;IVEGSDAEIGMSPWQVMLFRKSPQELLCGASLISDRWVLTAAHCLLYPPWDKNFTENDLLVRIGKHSRTRYERNIEKISM
LEKIYIHPRYNWRENLDRDIALMKLKKPVAFSDYIHPVCLPDRETAASLLQAGYKGRVTGWGNLKETWTANVGKGQPSVL
QVVNLPIVERPVCKDSTRIRITDNMFCAGYKPDEGKRGDACEGDSGGPFVMKSPFNNRWYQMGIVSWGEGCDRDGKYGFY
THVFRLKKWIQKVIDQFGE
;
H
3 'polypeptide(L)' DFEEIPEE(TYS)LQ I
#
loop_
_chem_comp.id
_chem_comp.type
_chem_comp.name
_chem_comp.formula
DMS non-polymer 'DIMETHYL SULFOXIDE' 'C2 H6 O S'
MUZ non-polymer '[(~{R})-(4-carbamimidoylphenyl)-[[(2~{S})-1-[(2~{R})-3-cyclohexyl-2-[(phenylmethyl)sulfonylamino]propanoyl]pyrrolidin-2-yl]carbonylamino]methyl]-phenoxy-phosphinous acid' 'C35 H44 N5 O6 P S'
NA non-polymer 'SODIUM ION' 'Na 1'
NAG D-saccharide, beta linking 2-acetamido-2-deoxy-beta-D-glucopyranose 'C8 H15 N O6'
PO4 non-polymer 'PHOSPHATE ION' 'O4 P -3'
#
# COMPACT_ATOMS: atom_id res chain seq x y z
N GLU A 6 0.58 6.22 16.17
CA GLU A 6 1.51 5.92 17.26
C GLU A 6 2.63 6.95 17.30
N ALA A 7 3.12 7.23 18.51
CA ALA A 7 4.20 8.20 18.67
C ALA A 7 5.43 7.81 17.87
N ASP A 8 5.66 6.52 17.68
CA ASP A 8 6.83 6.03 16.96
C ASP A 8 6.51 5.66 15.51
N CYS A 9 5.38 6.09 14.98
CA CYS A 9 5.03 5.66 13.63
C CYS A 9 6.08 6.11 12.62
N GLY A 10 6.24 5.31 11.57
CA GLY A 10 7.05 5.72 10.44
C GLY A 10 8.54 5.71 10.68
N LEU A 11 9.00 5.16 11.80
CA LEU A 11 10.42 5.05 12.11
C LEU A 11 10.75 3.56 12.13
N ARG A 12 11.48 3.10 11.12
CA ARG A 12 11.66 1.66 10.95
C ARG A 12 12.72 1.13 11.91
N PRO A 13 12.46 0.03 12.60
CA PRO A 13 13.45 -0.53 13.53
C PRO A 13 14.81 -0.78 12.89
N LEU A 14 14.85 -1.24 11.65
CA LEU A 14 16.12 -1.62 11.05
C LEU A 14 16.75 -0.50 10.25
N PHE A 15 16.13 0.67 10.22
CA PHE A 15 16.67 1.80 9.46
C PHE A 15 16.70 3.05 10.31
N GLU A 16 15.62 3.85 10.34
CA GLU A 16 15.64 5.10 11.12
C GLU A 16 16.05 4.88 12.57
N LYS A 17 15.54 3.81 13.20
N LYS A 17 15.55 3.81 13.19
CA LYS A 17 15.81 3.63 14.63
CA LYS A 17 15.80 3.60 14.62
C LYS A 17 17.29 3.36 14.93
C LYS A 17 17.29 3.42 14.90
N LYS A 18 18.06 2.90 13.94
CA LYS A 18 19.49 2.69 14.13
C LYS A 18 20.32 3.58 13.22
N SER A 19 19.71 4.63 12.67
CA SER A 19 20.34 5.58 11.75
C SER A 19 21.06 4.88 10.59
N LEU A 20 20.37 3.91 9.98
CA LEU A 20 20.82 3.29 8.74
C LEU A 20 19.86 3.69 7.63
N GLU A 21 20.40 3.98 6.46
N GLU A 21 20.41 3.90 6.44
CA GLU A 21 19.55 4.33 5.33
CA GLU A 21 19.68 4.35 5.26
C GLU A 21 19.40 3.13 4.42
C GLU A 21 19.47 3.19 4.31
N ASP A 22 18.25 3.04 3.76
CA ASP A 22 18.05 2.00 2.77
C ASP A 22 18.63 2.46 1.43
N LYS A 23 18.65 1.54 0.46
CA LYS A 23 19.48 1.78 -0.72
C LYS A 23 18.90 2.83 -1.68
N THR A 24 17.62 3.19 -1.56
CA THR A 24 17.05 4.14 -2.51
C THR A 24 16.27 5.29 -1.87
N GLU A 25 16.25 5.41 -0.55
CA GLU A 25 15.50 6.53 0.02
C GLU A 25 16.09 7.87 -0.38
N ARG A 26 17.39 7.93 -0.68
CA ARG A 26 17.98 9.18 -1.12
C ARG A 26 17.33 9.67 -2.42
N GLU A 27 16.87 8.76 -3.29
CA GLU A 27 16.19 9.17 -4.50
C GLU A 27 14.93 9.96 -4.18
N LEU A 28 14.21 9.55 -3.13
CA LEU A 28 13.04 10.31 -2.73
C LEU A 28 13.44 11.70 -2.24
N LEU A 29 14.41 11.76 -1.32
CA LEU A 29 14.84 13.05 -0.78
C LEU A 29 15.26 14.00 -1.88
N GLU A 30 16.00 13.50 -2.88
CA GLU A 30 16.48 14.38 -3.93
C GLU A 30 15.34 14.95 -4.77
N SER A 31 14.18 14.29 -4.77
CA SER A 31 13.04 14.80 -5.53
C SER A 31 12.25 15.85 -4.77
N TYR A 32 12.52 16.01 -3.46
CA TYR A 32 11.76 16.96 -2.65
C TYR A 32 12.50 18.29 -2.72
N ILE A 33 12.25 19.01 -3.81
CA ILE A 33 13.02 20.19 -4.17
C ILE A 33 12.32 21.44 -3.68
N ILE B 1 4.50 -5.54 -8.75
CA ILE B 1 5.29 -4.36 -9.11
C ILE B 1 6.07 -4.62 -10.37
N VAL B 2 5.98 -3.72 -11.35
CA VAL B 2 6.73 -3.83 -12.60
C VAL B 2 7.97 -2.95 -12.52
N GLU B 3 9.12 -3.51 -12.94
CA GLU B 3 10.39 -2.80 -13.02
C GLU B 3 10.82 -2.24 -11.66
N GLY B 4 10.49 -2.94 -10.59
CA GLY B 4 10.98 -2.65 -9.26
C GLY B 4 12.18 -3.51 -8.91
N SER B 5 12.46 -3.58 -7.60
N SER B 5 12.46 -3.57 -7.61
CA SER B 5 13.57 -4.38 -7.11
CA SER B 5 13.57 -4.38 -7.11
C SER B 5 13.16 -5.07 -5.83
C SER B 5 13.13 -5.11 -5.85
N ASP B 6 13.94 -6.08 -5.44
CA ASP B 6 13.70 -6.76 -4.17
C ASP B 6 13.82 -5.77 -3.01
N ALA B 7 12.85 -5.80 -2.12
CA ALA B 7 12.94 -5.02 -0.89
C ALA B 7 14.10 -5.48 -0.04
N GLU B 8 14.65 -4.57 0.77
CA GLU B 8 15.56 -4.96 1.83
C GLU B 8 14.78 -5.50 3.02
N ILE B 9 15.45 -6.29 3.86
CA ILE B 9 14.80 -6.80 5.06
C ILE B 9 14.34 -5.63 5.94
N GLY B 10 13.08 -5.65 6.35
CA GLY B 10 12.58 -4.59 7.21
C GLY B 10 12.42 -3.24 6.55
N MET B 11 12.48 -3.18 5.21
CA MET B 11 12.39 -1.91 4.51
C MET B 11 10.99 -1.30 4.59
N SER B 12 9.97 -2.15 4.68
CA SER B 12 8.57 -1.73 4.65
C SER B 12 7.83 -2.51 5.73
N PRO B 13 8.12 -2.22 7.00
CA PRO B 13 7.61 -3.07 8.09
C PRO B 13 6.13 -2.87 8.36
N TRP B 14 5.50 -1.90 7.72
CA TRP B 14 4.05 -1.73 7.71
C TRP B 14 3.36 -2.51 6.60
N GLN B 15 4.12 -3.20 5.75
CA GLN B 15 3.51 -3.96 4.67
C GLN B 15 2.65 -5.09 5.21
N VAL B 16 1.44 -5.22 4.66
CA VAL B 16 0.52 -6.28 5.05
C VAL B 16 0.06 -7.02 3.81
N MET B 17 -0.05 -8.35 3.92
CA MET B 17 -0.63 -9.17 2.88
C MET B 17 -2.05 -9.57 3.27
N LEU B 18 -3.02 -9.29 2.39
CA LEU B 18 -4.39 -9.77 2.55
C LEU B 18 -4.47 -11.14 1.90
N PHE B 19 -4.86 -12.15 2.68
CA PHE B 19 -4.71 -13.54 2.28
C PHE B 19 -6.06 -14.23 2.37
N ARG B 20 -6.49 -14.84 1.27
CA ARG B 20 -7.73 -15.60 1.27
C ARG B 20 -7.51 -16.94 1.96
N LYS B 21 -8.48 -17.35 2.78
CA LYS B 21 -8.36 -18.59 3.54
C LYS B 21 -8.51 -19.81 2.64
N SER B 22 -9.53 -19.81 1.79
CA SER B 22 -9.80 -20.98 0.97
C SER B 22 -10.42 -20.55 -0.35
N PRO B 23 -9.73 -20.75 -1.48
CA PRO B 23 -8.36 -21.29 -1.55
C PRO B 23 -7.31 -20.29 -1.04
N GLN B 24 -6.19 -20.81 -0.54
CA GLN B 24 -5.16 -19.94 0.02
C GLN B 24 -4.48 -19.17 -1.11
N GLU B 25 -4.64 -17.85 -1.14
CA GLU B 25 -4.09 -17.07 -2.24
C GLU B 25 -3.90 -15.62 -1.80
N LEU B 26 -2.97 -14.94 -2.46
CA LEU B 26 -2.80 -13.51 -2.25
C LEU B 26 -3.99 -12.78 -2.86
N LEU B 27 -4.61 -11.92 -2.07
CA LEU B 27 -5.71 -11.09 -2.57
C LEU B 27 -5.29 -9.68 -2.88
N CYS B 28 -4.43 -9.09 -2.05
CA CYS B 28 -4.16 -7.66 -2.10
C CYS B 28 -3.04 -7.35 -1.12
N GLY B 29 -2.52 -6.13 -1.25
CA GLY B 29 -1.70 -5.54 -0.21
C GLY B 29 -2.56 -4.73 0.75
N ALA B 30 -1.90 -4.20 1.77
CA ALA B 30 -2.53 -3.45 2.86
C ALA B 30 -1.40 -2.86 3.67
N SER B 31 -1.74 -2.07 4.69
CA SER B 31 -0.71 -1.46 5.52
C SER B 31 -1.15 -1.40 6.97
N LEU B 32 -0.16 -1.46 7.85
CA LEU B 32 -0.38 -1.42 9.30
C LEU B 32 -0.29 0.02 9.78
N ILE B 33 -1.36 0.52 10.40
CA ILE B 33 -1.37 1.90 10.90
C ILE B 33 -1.45 1.99 12.42
N SER B 34 -1.66 0.88 13.12
CA SER B 34 -1.58 0.82 14.56
C SER B 34 -1.49 -0.66 14.90
N ASP B 35 -1.50 -0.98 16.19
CA ASP B 35 -1.41 -2.40 16.52
C ASP B 35 -2.71 -3.15 16.28
N ARG B 36 -3.80 -2.46 15.92
CA ARG B 36 -5.08 -3.11 15.72
C ARG B 36 -5.77 -2.77 14.40
N TRP B 37 -5.20 -1.86 13.60
CA TRP B 37 -5.90 -1.35 12.43
C TRP B 37 -5.04 -1.49 11.18
N VAL B 38 -5.64 -1.99 10.11
CA VAL B 38 -4.99 -2.21 8.83
C VAL B 38 -5.77 -1.46 7.76
N LEU B 39 -5.06 -0.77 6.89
CA LEU B 39 -5.65 0.04 5.82
C LEU B 39 -5.49 -0.67 4.48
N THR B 40 -6.53 -0.62 3.65
CA THR B 40 -6.41 -1.24 2.33
C THR B 40 -7.37 -0.51 1.37
N ALA B 41 -7.47 -1.01 0.15
CA ALA B 41 -8.39 -0.49 -0.85
C ALA B 41 -9.74 -1.18 -0.70
N ALA B 42 -10.82 -0.39 -0.83
CA ALA B 42 -12.15 -0.98 -0.72
C ALA B 42 -12.37 -2.06 -1.77
N HIS B 43 -11.86 -1.86 -2.98
CA HIS B 43 -12.16 -2.85 -4.02
C HIS B 43 -11.46 -4.18 -3.77
N CYS B 44 -10.46 -4.21 -2.87
CA CYS B 44 -9.89 -5.48 -2.44
C CYS B 44 -10.89 -6.34 -1.67
N LEU B 45 -11.91 -5.72 -1.09
CA LEU B 45 -12.91 -6.41 -0.31
C LEU B 45 -14.29 -6.43 -0.95
N LEU B 46 -14.63 -5.42 -1.74
CA LEU B 46 -15.98 -5.28 -2.28
C LEU B 46 -15.88 -4.78 -3.71
N TYR B 47 -16.28 -5.63 -4.66
CA TYR B 47 -16.33 -5.18 -6.04
C TYR B 47 -17.37 -6.03 -6.77
N PRO B 48 -18.64 -5.63 -6.71
CA PRO B 48 -19.73 -6.44 -7.27
C PRO B 48 -19.56 -6.81 -8.74
N PRO B 49 -18.94 -5.96 -9.58
CA PRO B 49 -18.78 -6.38 -11.00
C PRO B 49 -18.03 -7.69 -11.18
N TRP B 50 -17.18 -8.05 -10.21
CA TRP B 50 -16.44 -9.31 -10.22
C TRP B 50 -16.97 -10.30 -9.18
N ASP B 51 -18.19 -10.08 -8.70
CA ASP B 51 -18.81 -10.92 -7.68
C ASP B 51 -17.92 -11.04 -6.44
N LYS B 52 -17.26 -9.94 -6.07
CA LYS B 52 -16.37 -9.92 -4.91
C LYS B 52 -17.06 -9.20 -3.76
N ASN B 53 -17.24 -9.92 -2.65
CA ASN B 53 -17.81 -9.34 -1.44
C ASN B 53 -17.35 -10.17 -0.25
N PHE B 54 -16.11 -9.95 0.19
CA PHE B 54 -15.55 -10.76 1.26
C PHE B 54 -16.13 -10.35 2.61
N THR B 55 -16.36 -11.35 3.46
CA THR B 55 -16.67 -11.12 4.87
C THR B 55 -15.42 -11.36 5.70
N GLU B 56 -15.50 -10.97 6.98
CA GLU B 56 -14.34 -11.06 7.87
C GLU B 56 -13.75 -12.46 7.93
N ASN B 57 -14.60 -13.47 8.02
CA ASN B 57 -14.12 -14.83 8.20
C ASN B 57 -13.50 -15.41 6.93
N ASP B 58 -13.62 -14.72 5.79
CA ASP B 58 -13.02 -15.20 4.55
C ASP B 58 -11.52 -14.96 4.49
N LEU B 59 -10.98 -14.09 5.35
CA LEU B 59 -9.69 -13.47 5.13
C LEU B 59 -8.78 -13.60 6.35
N LEU B 60 -7.48 -13.49 6.08
CA LEU B 60 -6.46 -13.31 7.08
C LEU B 60 -5.57 -12.17 6.63
N VAL B 61 -4.85 -11.55 7.56
CA VAL B 61 -3.77 -10.63 7.19
C VAL B 61 -2.48 -11.22 7.71
N ARG B 62 -1.43 -11.10 6.91
CA ARG B 62 -0.11 -11.62 7.23
C ARG B 62 0.83 -10.43 7.28
N ILE B 63 1.47 -10.24 8.44
CA ILE B 63 2.21 -9.03 8.76
C ILE B 63 3.66 -9.41 9.02
N GLY B 64 4.59 -8.58 8.55
CA GLY B 64 6.00 -8.84 8.75
C GLY B 64 6.65 -9.69 7.68
N LYS B 65 6.00 -9.86 6.53
CA LYS B 65 6.47 -10.77 5.51
C LYS B 65 7.51 -10.15 4.60
N HIS B 66 8.31 -11.03 3.99
CA HIS B 66 9.24 -10.67 2.94
C HIS B 66 9.00 -11.60 1.75
N SER B 67 9.19 -12.89 1.97
CA SER B 67 8.84 -13.89 0.96
C SER B 67 7.36 -13.86 0.63
N ARG B 68 7.04 -13.97 -0.66
CA ARG B 68 5.64 -14.02 -1.08
C ARG B 68 4.97 -15.30 -0.62
N THR B 69 5.55 -16.47 -0.90
CA THR B 69 4.84 -17.73 -0.74
C THR B 69 5.20 -18.51 0.53
N ARG B 70 6.36 -18.24 1.12
N ARG B 70 6.34 -18.24 1.14
CA ARG B 70 6.82 -19.01 2.28
CA ARG B 70 6.79 -19.06 2.25
C ARG B 70 6.02 -18.65 3.52
C ARG B 70 6.13 -18.63 3.55
N TYR B 71 5.90 -19.61 4.43
CA TYR B 71 5.45 -19.31 5.79
C TYR B 71 6.69 -18.95 6.59
N GLU B 72 6.82 -17.67 6.95
CA GLU B 72 8.06 -17.14 7.51
C GLU B 72 7.99 -17.28 9.03
N ARG B 73 8.20 -18.53 9.46
CA ARG B 73 8.18 -18.92 10.86
C ARG B 73 9.08 -18.03 11.69
N ASN B 74 8.56 -17.62 12.86
CA ASN B 74 9.23 -16.75 13.84
C ASN B 74 9.38 -15.32 13.36
N ILE B 75 8.83 -14.96 12.19
CA ILE B 75 9.01 -13.62 11.65
C ILE B 75 7.65 -13.01 11.37
N GLU B 76 6.88 -13.63 10.47
CA GLU B 76 5.58 -13.07 10.18
C GLU B 76 4.59 -13.41 11.29
N LYS B 77 3.54 -12.59 11.36
CA LYS B 77 2.43 -12.82 12.27
C LYS B 77 1.14 -12.79 11.46
N ILE B 78 0.24 -13.71 11.78
CA ILE B 78 -1.00 -13.90 11.04
C ILE B 78 -2.16 -13.53 11.95
N SER B 79 -3.02 -12.63 11.49
CA SER B 79 -4.09 -12.07 12.31
C SER B 79 -5.43 -12.31 11.66
N MET B 80 -6.42 -12.62 12.48
CA MET B 80 -7.80 -12.72 12.04
C MET B 80 -8.48 -11.36 12.10
N LEU B 81 -9.53 -11.20 11.31
CA LEU B 81 -10.23 -9.92 11.23
C LEU B 81 -11.42 -9.88 12.19
N GLU B 82 -11.52 -8.80 12.95
CA GLU B 82 -12.73 -8.58 13.75
C GLU B 82 -13.83 -7.92 12.92
N LYS B 83 -13.50 -6.90 12.13
CA LYS B 83 -14.54 -6.18 11.40
C LYS B 83 -13.93 -5.43 10.23
N ILE B 84 -14.66 -5.43 9.11
CA ILE B 84 -14.32 -4.66 7.91
C ILE B 84 -15.18 -3.40 7.88
N TYR B 85 -14.57 -2.26 7.57
CA TYR B 85 -15.27 -0.99 7.37
C TYR B 85 -14.91 -0.44 6.00
N ILE B 86 -15.91 -0.29 5.14
CA ILE B 86 -15.70 0.25 3.80
C ILE B 86 -16.23 1.68 3.77
N HIS B 87 -15.55 2.56 3.05
CA HIS B 87 -16.03 3.94 3.01
C HIS B 87 -17.47 3.97 2.51
N PRO B 88 -18.37 4.69 3.19
CA PRO B 88 -19.79 4.66 2.80
C PRO B 88 -20.07 5.24 1.44
N ARG B 89 -19.16 6.04 0.88
CA ARG B 89 -19.35 6.61 -0.44
C ARG B 89 -18.33 6.07 -1.45
N TYR B 90 -17.74 4.91 -1.15
CA TYR B 90 -16.93 4.19 -2.14
C TYR B 90 -17.74 3.93 -3.41
N ASN B 91 -17.21 4.37 -4.55
CA ASN B 91 -17.94 4.34 -5.81
C ASN B 91 -17.41 3.20 -6.67
N TRP B 92 -17.91 1.99 -6.42
CA TRP B 92 -17.52 0.87 -7.25
C TRP B 92 -18.28 0.84 -8.58
N ARG B 93 -19.35 1.61 -8.72
N ARG B 93 -19.35 1.62 -8.71
CA ARG B 93 -20.11 1.56 -9.96
CA ARG B 93 -20.13 1.57 -9.95
C ARG B 93 -19.39 2.26 -11.10
C ARG B 93 -19.42 2.27 -11.10
N GLU B 94 -18.65 3.33 -10.82
CA GLU B 94 -18.12 4.19 -11.87
C GLU B 94 -16.59 4.16 -11.94
N ASN B 95 -15.90 4.74 -10.95
CA ASN B 95 -14.48 5.06 -11.12
C ASN B 95 -13.64 4.75 -9.88
N LEU B 96 -14.15 3.95 -8.94
CA LEU B 96 -13.44 3.63 -7.69
C LEU B 96 -13.14 4.87 -6.85
N ASP B 97 -14.01 5.88 -6.93
CA ASP B 97 -13.85 7.03 -6.05
C ASP B 97 -13.95 6.60 -4.59
N ARG B 98 -13.05 7.16 -3.76
CA ARG B 98 -12.98 6.86 -2.32
C ARG B 98 -12.67 5.38 -2.09
N ASP B 99 -11.62 4.90 -2.73
CA ASP B 99 -11.27 3.47 -2.71
C ASP B 99 -10.45 3.18 -1.46
N ILE B 100 -11.16 3.04 -0.33
CA ILE B 100 -10.48 2.93 0.97
C ILE B 100 -11.33 2.07 1.90
N ALA B 101 -10.64 1.28 2.72
CA ALA B 101 -11.30 0.43 3.69
C ALA B 101 -10.35 0.22 4.87
N LEU B 102 -10.94 0.00 6.05
CA LEU B 102 -10.20 -0.35 7.26
C LEU B 102 -10.59 -1.74 7.72
N MET B 103 -9.63 -2.43 8.34
CA MET B 103 -9.85 -3.74 8.93
C MET B 103 -9.35 -3.69 10.37
N LYS B 104 -10.21 -4.04 11.31
CA LYS B 104 -9.82 -4.13 12.72
C LYS B 104 -9.44 -5.56 13.04
N LEU B 105 -8.26 -5.74 13.63
CA LEU B 105 -7.77 -7.06 13.97
C LEU B 105 -8.44 -7.56 15.24
N LYS B 106 -8.61 -8.89 15.33
CA LYS B 106 -9.22 -9.48 16.51
C LYS B 106 -8.36 -9.24 17.75
N LYS B 107 -7.04 -9.27 17.59
CA LYS B 107 -6.07 -9.08 18.66
C LYS B 107 -4.96 -8.18 18.17
N PRO B 108 -4.39 -7.37 19.04
CA PRO B 108 -3.27 -6.51 18.63
C PRO B 108 -2.06 -7.35 18.22
N VAL B 109 -1.34 -6.87 17.21
CA VAL B 109 -0.14 -7.54 16.74
C VAL B 109 1.06 -6.96 17.50
N ALA B 110 2.01 -7.83 17.85
CA ALA B 110 3.21 -7.38 18.52
C ALA B 110 4.17 -6.77 17.52
N PHE B 111 4.65 -5.56 17.80
CA PHE B 111 5.64 -4.95 16.93
C PHE B 111 6.99 -5.66 17.11
N SER B 112 7.83 -5.56 16.08
CA SER B 112 9.13 -6.23 16.05
C SER B 112 10.01 -5.49 15.06
N ASP B 113 11.20 -6.04 14.78
CA ASP B 113 12.06 -5.47 13.76
C ASP B 113 11.37 -5.45 12.39
N TYR B 114 10.41 -6.35 12.17
CA TYR B 114 9.78 -6.56 10.86
C TYR B 114 8.35 -6.05 10.79
N ILE B 115 7.80 -5.56 11.91
CA ILE B 115 6.40 -5.22 12.07
C ILE B 115 6.33 -3.87 12.77
N HIS B 116 5.85 -2.83 12.07
CA HIS B 116 5.89 -1.50 12.67
C HIS B 116 4.96 -0.62 11.85
N PRO B 117 4.19 0.27 12.48
CA PRO B 117 3.17 1.02 11.74
C PRO B 117 3.73 2.24 11.00
N VAL B 118 3.05 2.59 9.91
CA VAL B 118 3.36 3.78 9.14
C VAL B 118 2.54 4.94 9.69
N CYS B 119 3.00 6.17 9.48
CA CYS B 119 2.20 7.34 9.84
C CYS B 119 1.17 7.68 8.78
N LEU B 120 0.06 8.26 9.23
CA LEU B 120 -0.85 8.89 8.29
C LEU B 120 -0.58 10.40 8.27
N PRO B 121 -0.69 11.02 7.10
CA PRO B 121 -0.28 12.41 6.96
C PRO B 121 -1.25 13.37 7.64
N ASP B 122 -0.68 14.45 8.15
CA ASP B 122 -1.41 15.64 8.53
C ASP B 122 -1.60 16.52 7.30
N ARG B 123 -2.44 17.55 7.45
CA ARG B 123 -2.69 18.47 6.33
C ARG B 123 -1.41 19.10 5.82
N GLU B 124 -0.51 19.50 6.73
CA GLU B 124 0.68 20.22 6.35
C GLU B 124 1.67 19.31 5.62
N THR B 125 1.84 18.08 6.09
CA THR B 125 2.75 17.17 5.41
C THR B 125 2.19 16.81 4.03
N ALA B 126 0.87 16.62 3.93
CA ALA B 126 0.25 16.35 2.64
C ALA B 126 0.46 17.51 1.68
N ALA B 127 0.21 18.74 2.14
CA ALA B 127 0.38 19.89 1.26
C ALA B 127 1.83 20.04 0.82
N SER B 128 2.77 19.74 1.71
N SER B 128 2.77 19.76 1.72
CA SER B 128 4.18 19.93 1.39
CA SER B 128 4.18 19.92 1.40
C SER B 128 4.70 18.88 0.43
C SER B 128 4.64 18.90 0.39
N LEU B 129 4.23 17.64 0.55
CA LEU B 129 4.83 16.53 -0.19
C LEU B 129 4.04 16.07 -1.41
N LEU B 130 2.73 16.30 -1.47
CA LEU B 130 1.93 15.84 -2.62
C LEU B 130 2.03 16.85 -3.76
N GLN B 131 3.19 16.87 -4.37
CA GLN B 131 3.52 17.83 -5.42
C GLN B 131 4.07 17.08 -6.63
N ALA B 132 3.73 17.54 -7.83
CA ALA B 132 4.20 16.90 -9.04
C ALA B 132 5.72 16.84 -9.06
N GLY B 133 6.27 15.68 -9.40
CA GLY B 133 7.70 15.48 -9.43
C GLY B 133 8.26 14.88 -8.16
N TYR B 134 7.60 15.09 -7.02
CA TYR B 134 8.05 14.47 -5.78
C TYR B 134 7.80 12.97 -5.85
N LYS B 135 8.76 12.18 -5.37
CA LYS B 135 8.66 10.73 -5.51
C LYS B 135 8.14 10.08 -4.24
N GLY B 136 7.30 9.06 -4.43
CA GLY B 136 6.92 8.18 -3.34
C GLY B 136 7.36 6.77 -3.67
N ARG B 137 7.02 5.85 -2.78
CA ARG B 137 7.48 4.47 -2.88
C ARG B 137 6.29 3.54 -2.80
N VAL B 138 6.21 2.58 -3.73
CA VAL B 138 5.14 1.59 -3.78
C VAL B 138 5.76 0.21 -3.57
N THR B 139 5.08 -0.62 -2.80
CA THR B 139 5.58 -1.96 -2.46
C THR B 139 4.46 -2.98 -2.58
N GLY B 140 4.82 -4.21 -2.94
CA GLY B 140 3.82 -5.25 -3.02
C GLY B 140 4.35 -6.55 -3.60
N TRP B 141 3.50 -7.57 -3.52
CA TRP B 141 3.80 -8.89 -4.07
C TRP B 141 3.03 -9.18 -5.35
N GLY B 142 2.49 -8.16 -6.01
CA GLY B 142 1.74 -8.36 -7.23
C GLY B 142 2.65 -8.74 -8.40
N ASN B 143 2.00 -8.92 -9.56
CA ASN B 143 2.69 -9.44 -10.73
C ASN B 143 3.80 -8.51 -11.21
N LEU B 144 4.84 -9.12 -11.79
CA LEU B 144 6.01 -8.40 -12.28
C LEU B 144 5.82 -7.80 -13.67
N LYS B 145 4.77 -8.20 -14.40
CA LYS B 145 4.47 -7.57 -15.68
C LYS B 145 3.00 -7.79 -15.99
N GLU B 146 2.49 -7.00 -16.93
CA GLU B 146 1.07 -7.05 -17.24
C GLU B 146 0.69 -8.40 -17.82
N THR B 147 1.49 -8.90 -18.75
CA THR B 147 1.22 -10.17 -19.40
C THR B 147 2.39 -11.13 -19.17
N GLY B 155 7.04 -13.93 -13.86
CA GLY B 155 5.63 -13.61 -13.64
C GLY B 155 5.32 -13.05 -12.27
N GLN B 156 5.60 -13.83 -11.22
CA GLN B 156 5.33 -13.42 -9.85
C GLN B 156 6.61 -13.45 -9.02
N PRO B 157 6.77 -12.52 -8.08
CA PRO B 157 8.06 -12.35 -7.42
C PRO B 157 8.27 -13.34 -6.28
N SER B 158 9.54 -13.64 -6.02
CA SER B 158 9.87 -14.45 -4.86
C SER B 158 9.72 -13.66 -3.56
N VAL B 159 10.08 -12.37 -3.55
CA VAL B 159 9.99 -11.55 -2.35
C VAL B 159 9.35 -10.20 -2.67
N LEU B 160 9.02 -9.48 -1.61
CA LEU B 160 8.41 -8.15 -1.71
C LEU B 160 9.17 -7.26 -2.67
N GLN B 161 8.45 -6.55 -3.55
CA GLN B 161 9.05 -5.67 -4.54
C GLN B 161 8.81 -4.21 -4.16
N VAL B 162 9.72 -3.36 -4.62
N VAL B 162 9.72 -3.34 -4.62
CA VAL B 162 9.73 -1.93 -4.29
CA VAL B 162 9.68 -1.93 -4.28
C VAL B 162 10.00 -1.13 -5.56
C VAL B 162 10.02 -1.11 -5.51
N VAL B 163 9.31 -0.01 -5.72
CA VAL B 163 9.63 0.93 -6.79
C VAL B 163 9.32 2.34 -6.32
N ASN B 164 10.19 3.29 -6.67
CA ASN B 164 9.98 4.70 -6.38
C ASN B 164 9.48 5.38 -7.64
N LEU B 165 8.43 6.20 -7.50
CA LEU B 165 7.72 6.78 -8.65
C LEU B 165 7.34 8.23 -8.36
N PRO B 166 7.45 9.11 -9.36
CA PRO B 166 7.09 10.52 -9.15
C PRO B 166 5.60 10.78 -9.29
N ILE B 167 5.09 11.66 -8.42
CA ILE B 167 3.72 12.14 -8.55
C ILE B 167 3.60 12.95 -9.84
N VAL B 168 2.46 12.83 -10.51
CA VAL B 168 2.25 13.44 -11.82
C VAL B 168 1.23 14.57 -11.71
N GLU B 169 1.48 15.66 -12.46
CA GLU B 169 0.57 16.78 -12.55
C GLU B 169 -0.85 16.32 -12.85
N ARG B 170 -1.83 16.88 -12.13
N ARG B 170 -1.83 16.89 -12.13
CA ARG B 170 -3.22 16.43 -12.31
CA ARG B 170 -3.21 16.44 -12.31
C ARG B 170 -3.70 16.53 -13.76
C ARG B 170 -3.71 16.53 -13.75
N PRO B 171 -3.39 17.57 -14.54
CA PRO B 171 -3.85 17.57 -15.93
C PRO B 171 -3.30 16.42 -16.75
N VAL B 172 -2.06 16.01 -16.49
CA VAL B 172 -1.49 14.87 -17.20
C VAL B 172 -2.19 13.58 -16.79
N CYS B 173 -2.45 13.40 -15.50
CA CYS B 173 -3.25 12.25 -15.06
C CYS B 173 -4.58 12.20 -15.81
N LYS B 174 -5.29 13.33 -15.84
CA LYS B 174 -6.62 13.34 -16.45
C LYS B 174 -6.54 13.06 -17.94
N ASP B 175 -5.54 13.62 -18.62
CA ASP B 175 -5.41 13.48 -20.06
C ASP B 175 -4.92 12.10 -20.48
N SER B 176 -4.54 11.25 -19.53
CA SER B 176 -4.04 9.92 -19.83
C SER B 176 -5.14 8.87 -19.91
N THR B 177 -6.39 9.22 -19.63
CA THR B 177 -7.40 8.22 -19.39
C THR B 177 -8.76 8.79 -19.74
N ARG B 178 -9.71 7.89 -20.02
CA ARG B 178 -11.10 8.29 -20.19
C ARG B 178 -11.89 8.22 -18.90
N ILE B 179 -11.31 7.63 -17.84
CA ILE B 179 -11.98 7.55 -16.54
C ILE B 179 -12.07 8.93 -15.94
N ARG B 180 -13.18 9.20 -15.25
CA ARG B 180 -13.34 10.47 -14.54
C ARG B 180 -12.49 10.44 -13.26
N ILE B 181 -11.50 11.32 -13.19
CA ILE B 181 -10.62 11.42 -12.03
C ILE B 181 -11.26 12.37 -11.03
N THR B 182 -11.07 12.12 -9.75
CA THR B 182 -11.60 12.98 -8.69
C THR B 182 -10.47 13.46 -7.77
N ASP B 183 -10.83 14.42 -6.91
CA ASP B 183 -9.87 14.92 -5.92
C ASP B 183 -9.44 13.84 -4.93
N ASN B 184 -10.14 12.71 -4.86
CA ASN B 184 -9.77 11.63 -3.94
C ASN B 184 -8.77 10.66 -4.56
N MET B 185 -8.20 11.01 -5.70
CA MET B 185 -7.21 10.20 -6.41
C MET B 185 -6.01 11.07 -6.74
N PHE B 186 -4.85 10.45 -6.87
CA PHE B 186 -3.73 11.09 -7.56
C PHE B 186 -3.05 10.01 -8.39
N CYS B 187 -2.20 10.43 -9.33
CA CYS B 187 -1.55 9.43 -10.15
C CYS B 187 -0.05 9.63 -10.09
N ALA B 188 0.68 8.55 -10.38
CA ALA B 188 2.13 8.57 -10.27
C ALA B 188 2.74 7.64 -11.31
N GLY B 189 3.96 7.97 -11.70
CA GLY B 189 4.67 7.17 -12.68
C GLY B 189 5.49 8.06 -13.58
N TYR B 190 6.41 7.45 -14.34
CA TYR B 190 7.22 8.21 -15.27
C TYR B 190 6.48 8.44 -16.58
N LYS B 191 6.79 9.56 -17.23
CA LYS B 191 6.30 9.85 -18.56
C LYS B 191 7.12 9.09 -19.60
N PRO B 192 6.55 8.85 -20.78
CA PRO B 192 7.33 8.17 -21.83
C PRO B 192 8.67 8.82 -22.09
N ASP B 193 8.74 10.16 -22.07
CA ASP B 193 9.99 10.85 -22.37
C ASP B 193 10.99 10.84 -21.22
N GLU B 194 10.61 10.33 -20.05
CA GLU B 194 11.51 10.35 -18.91
C GLU B 194 12.40 9.11 -18.83
N GLY B 195 12.20 8.13 -19.71
CA GLY B 195 13.10 6.99 -19.76
C GLY B 195 12.83 5.90 -18.75
N LYS B 196 12.85 6.25 -17.46
CA LYS B 196 12.67 5.27 -16.40
C LYS B 196 11.24 4.73 -16.42
N ARG B 197 11.04 3.58 -15.78
CA ARG B 197 9.76 2.89 -15.84
C ARG B 197 9.36 2.43 -14.44
N GLY B 198 8.21 1.78 -14.36
CA GLY B 198 7.77 1.21 -13.10
C GLY B 198 6.32 1.52 -12.81
N ASP B 199 5.65 0.57 -12.15
CA ASP B 199 4.23 0.71 -11.86
C ASP B 199 3.85 -0.38 -10.88
N ALA B 200 2.73 -0.17 -10.20
CA ALA B 200 2.08 -1.30 -9.55
C ALA B 200 1.43 -2.20 -10.58
N CYS B 201 1.01 -3.40 -10.15
CA CYS B 201 0.31 -4.31 -11.06
C CYS B 201 -0.64 -5.19 -10.24
N GLU B 202 -1.27 -6.15 -10.93
CA GLU B 202 -2.28 -7.01 -10.32
C GLU B 202 -1.74 -7.71 -9.07
N GLY B 203 -2.45 -7.55 -7.96
CA GLY B 203 -2.02 -8.05 -6.68
C GLY B 203 -1.43 -7.01 -5.76
N ASP B 204 -1.01 -5.84 -6.29
CA ASP B 204 -0.50 -4.75 -5.48
C ASP B 204 -1.60 -3.87 -4.90
N SER B 205 -2.82 -3.93 -5.46
CA SER B 205 -3.93 -3.11 -4.97
C SER B 205 -4.03 -3.18 -3.45
N GLY B 206 -4.34 -2.05 -2.84
CA GLY B 206 -4.49 -1.98 -1.40
C GLY B 206 -3.20 -1.68 -0.65
N GLY B 207 -2.04 -1.87 -1.26
CA GLY B 207 -0.77 -1.57 -0.63
C GLY B 207 -0.48 -0.08 -0.64
N PRO B 208 0.60 0.29 0.06
CA PRO B 208 0.84 1.70 0.35
C PRO B 208 1.77 2.39 -0.64
N PHE B 209 1.44 3.67 -0.88
CA PHE B 209 2.34 4.63 -1.52
C PHE B 209 2.84 5.54 -0.41
N VAL B 210 4.13 5.44 -0.08
CA VAL B 210 4.67 6.17 1.08
C VAL B 210 5.70 7.19 0.63
N MET B 211 5.92 8.19 1.50
CA MET B 211 6.92 9.22 1.29
C MET B 211 7.63 9.44 2.62
N LYS B 212 8.92 9.77 2.57
CA LYS B 212 9.68 10.00 3.79
C LYS B 212 9.80 11.51 3.99
N SER B 213 9.16 12.01 5.04
CA SER B 213 9.16 13.45 5.24
C SER B 213 10.59 13.95 5.48
N PRO B 214 11.04 14.96 4.74
CA PRO B 214 12.38 15.53 5.00
C PRO B 214 12.40 16.45 6.21
N PHE B 215 11.24 16.75 6.77
CA PHE B 215 11.14 17.61 7.95
C PHE B 215 11.36 16.83 9.23
N ASN B 216 10.80 15.61 9.34
CA ASN B 216 10.96 14.85 10.57
C ASN B 216 11.48 13.45 10.35
N ASN B 217 11.86 13.11 9.13
CA ASN B 217 12.49 11.81 8.79
C ASN B 217 11.59 10.62 9.11
N ARG B 218 10.27 10.80 9.02
CA ARG B 218 9.29 9.74 9.23
C ARG B 218 8.59 9.38 7.92
N TRP B 219 8.24 8.10 7.80
CA TRP B 219 7.49 7.65 6.64
C TRP B 219 5.99 7.85 6.84
N TYR B 220 5.34 8.42 5.82
CA TYR B 220 3.92 8.71 5.78
C TYR B 220 3.26 8.01 4.61
N GLN B 221 2.08 7.45 4.84
CA GLN B 221 1.34 6.82 3.75
C GLN B 221 0.45 7.86 3.08
N MET B 222 0.83 8.26 1.86
CA MET B 222 0.06 9.26 1.15
C MET B 222 -0.98 8.65 0.24
N GLY B 223 -0.77 7.41 -0.21
CA GLY B 223 -1.67 6.82 -1.19
C GLY B 223 -1.91 5.35 -0.90
N ILE B 224 -2.96 4.83 -1.55
CA ILE B 224 -3.25 3.40 -1.58
C ILE B 224 -3.30 2.97 -3.04
N VAL B 225 -2.61 1.90 -3.38
CA VAL B 225 -2.69 1.39 -4.76
C VAL B 225 -4.15 1.09 -5.10
N SER B 226 -4.67 1.75 -6.13
CA SER B 226 -6.10 1.65 -6.43
C SER B 226 -6.37 1.07 -7.81
N TRP B 227 -5.97 1.72 -8.89
CA TRP B 227 -6.30 1.20 -10.21
C TRP B 227 -5.30 1.68 -11.24
N GLY B 228 -5.32 1.01 -12.39
CA GLY B 228 -4.47 1.37 -13.51
C GLY B 228 -4.91 0.59 -14.73
N GLU B 229 -4.60 1.13 -15.89
CA GLU B 229 -5.02 0.52 -17.14
C GLU B 229 -3.86 -0.32 -17.66
N GLY B 230 -3.94 -1.63 -17.42
CA GLY B 230 -2.77 -2.45 -17.65
C GLY B 230 -1.76 -2.18 -16.55
N CYS B 231 -0.49 -2.45 -16.85
CA CYS B 231 0.61 -2.16 -15.93
C CYS B 231 1.81 -1.65 -16.72
N ASP B 232 2.38 -0.53 -16.26
CA ASP B 232 3.61 0.03 -16.82
C ASP B 232 3.50 0.27 -18.32
N ARG B 233 2.31 0.69 -18.77
CA ARG B 233 2.14 1.07 -20.16
C ARG B 233 2.62 2.49 -20.37
N ASP B 234 3.28 2.72 -21.50
CA ASP B 234 3.69 4.07 -21.88
C ASP B 234 2.46 4.97 -21.96
N GLY B 235 2.54 6.12 -21.29
CA GLY B 235 1.47 7.09 -21.35
C GLY B 235 0.33 6.84 -20.39
N LYS B 236 0.35 5.73 -19.67
CA LYS B 236 -0.58 5.46 -18.57
C LYS B 236 0.14 5.67 -17.24
N TYR B 237 -0.65 5.87 -16.20
CA TYR B 237 -0.13 6.10 -14.86
C TYR B 237 -0.92 5.26 -13.86
N GLY B 238 -0.28 4.96 -12.74
CA GLY B 238 -0.99 4.28 -11.67
C GLY B 238 -1.78 5.30 -10.88
N PHE B 239 -2.98 4.91 -10.45
CA PHE B 239 -3.82 5.79 -9.65
C PHE B 239 -3.91 5.27 -8.23
N TYR B 240 -3.94 6.22 -7.29
CA TYR B 240 -3.80 5.98 -5.86
C TYR B 240 -4.89 6.73 -5.10
N THR B 241 -5.48 6.07 -4.11
CA THR B 241 -6.40 6.74 -3.21
C THR B 241 -5.66 7.81 -2.41
N HIS B 242 -6.25 9.01 -2.34
CA HIS B 242 -5.64 10.15 -1.66
C HIS B 242 -5.95 10.03 -0.16
N VAL B 243 -4.99 9.49 0.61
CA VAL B 243 -5.25 9.14 2.00
C VAL B 243 -5.63 10.36 2.82
N PHE B 244 -4.91 11.46 2.66
CA PHE B 244 -5.23 12.61 3.51
C PHE B 244 -6.65 13.10 3.27
N ARG B 245 -7.11 13.10 2.01
CA ARG B 245 -8.44 13.60 1.73
C ARG B 245 -9.53 12.78 2.42
N LEU B 246 -9.24 11.51 2.74
CA LEU B 246 -10.21 10.65 3.40
C LEU B 246 -9.88 10.42 4.87
N LYS B 247 -8.96 11.21 5.43
CA LYS B 247 -8.50 10.92 6.78
C LYS B 247 -9.57 11.19 7.82
N LYS B 248 -10.47 12.15 7.58
CA LYS B 248 -11.54 12.39 8.54
C LYS B 248 -12.42 11.15 8.72
N TRP B 249 -12.65 10.42 7.63
CA TRP B 249 -13.38 9.15 7.75
C TRP B 249 -12.58 8.12 8.52
N ILE B 250 -11.27 8.01 8.23
CA ILE B 250 -10.41 7.08 8.95
C ILE B 250 -10.50 7.33 10.44
N GLN B 251 -10.33 8.59 10.86
CA GLN B 251 -10.35 8.93 12.28
C GLN B 251 -11.72 8.68 12.88
N LYS B 252 -12.78 8.98 12.15
CA LYS B 252 -14.12 8.73 12.65
C LYS B 252 -14.33 7.24 12.93
N VAL B 253 -13.84 6.37 12.04
CA VAL B 253 -14.00 4.94 12.25
C VAL B 253 -13.21 4.49 13.47
N ILE B 254 -11.95 4.91 13.56
CA ILE B 254 -11.11 4.47 14.67
C ILE B 254 -11.65 5.00 15.98
N ASP B 255 -12.09 6.27 16.01
CA ASP B 255 -12.61 6.85 17.24
C ASP B 255 -13.90 6.18 17.68
N GLN B 256 -14.73 5.72 16.74
CA GLN B 256 -16.02 5.13 17.10
C GLN B 256 -15.91 3.64 17.44
N PHE B 257 -14.93 2.93 16.88
CA PHE B 257 -14.90 1.48 17.00
C PHE B 257 -13.64 0.96 17.70
N ASP C 1 0.86 -23.41 -4.54
CA ASP C 1 1.72 -22.27 -4.83
C ASP C 1 2.27 -21.66 -3.53
N PHE C 2 1.40 -21.52 -2.55
CA PHE C 2 1.76 -20.96 -1.25
C PHE C 2 2.01 -22.09 -0.24
N GLU C 3 3.03 -21.90 0.60
CA GLU C 3 3.28 -22.85 1.67
C GLU C 3 2.12 -22.84 2.65
N GLU C 4 1.74 -24.01 3.13
CA GLU C 4 0.66 -24.13 4.09
C GLU C 4 0.99 -23.36 5.36
N ILE C 5 0.00 -22.64 5.89
CA ILE C 5 0.18 -21.90 7.14
C ILE C 5 -0.28 -22.79 8.28
N PRO C 6 0.15 -22.55 9.51
CA PRO C 6 -0.27 -23.39 10.64
C PRO C 6 -1.78 -23.45 10.77
N GLU C 7 -2.28 -24.62 11.19
CA GLU C 7 -3.71 -24.86 11.22
C GLU C 7 -4.41 -23.92 12.19
N GLU C 8 -3.73 -23.48 13.24
CA GLU C 8 -4.31 -22.61 14.24
C GLU C 8 -4.92 -21.33 13.66
N TYS C 9 -4.43 -20.90 12.50
CA TYS C 9 -4.89 -19.65 11.90
CB TYS C 9 -3.78 -19.02 11.05
CG TYS C 9 -2.57 -18.71 11.90
CD1 TYS C 9 -2.65 -17.80 12.94
CD2 TYS C 9 -1.37 -19.35 11.63
CE1 TYS C 9 -1.53 -17.52 13.72
CE2 TYS C 9 -0.24 -19.08 12.40
CZ TYS C 9 -0.33 -18.16 13.43
OH TYS C 9 0.78 -17.91 14.19
S TYS C 9 1.71 -16.72 13.86
O1 TYS C 9 2.87 -16.82 14.71
O2 TYS C 9 2.11 -16.76 12.48
O3 TYS C 9 0.92 -15.34 14.19
C TYS C 9 -6.11 -19.84 11.05
O TYS C 9 -6.73 -18.84 10.67
N LEU C 10 -6.46 -21.09 10.75
CA LEU C 10 -7.58 -21.35 9.85
C LEU C 10 -8.84 -21.84 10.58
N GLN C 11 -8.78 -21.90 11.91
CA GLN C 11 -9.93 -22.37 12.69
C GLN C 11 -11.02 -21.31 12.76
C17 MUZ D . -10.73 -2.73 -11.95
C8 MUZ D . -6.14 -8.97 -7.37
C6 MUZ D . -6.51 -6.67 -7.93
C10 MUZ D . -7.05 -8.39 -9.51
C9 MUZ D . -6.62 -9.35 -8.60
N MUZ D . -6.83 -2.89 -9.39
O MUZ D . -3.95 -5.17 -7.89
C11 MUZ D . -7.00 -7.05 -9.18
C12 MUZ D . -5.57 -3.61 -9.53
C13 MUZ D . -7.78 -3.19 -10.27
C14 MUZ D . -9.00 -2.27 -10.31
C15 MUZ D . -10.22 -2.93 -9.63
C16 MUZ D . -11.38 -2.72 -10.59
C18 MUZ D . -8.58 -1.53 -12.57
C19 MUZ D . -9.06 -1.34 -14.02
C20 MUZ D . -6.19 -3.42 -13.90
C21 MUZ D . -5.44 -4.72 -14.06
C22 MUZ D . -4.24 -4.76 -14.74
C23 MUZ D . -3.58 -5.96 -14.94
C24 MUZ D . -4.11 -7.13 -14.46
C25 MUZ D . -5.30 -7.11 -13.77
C26 MUZ D . -5.96 -5.91 -13.57
C27 MUZ D . -9.48 0.12 -14.24
C28 MUZ D . -10.69 0.55 -13.41
C29 MUZ D . -10.85 2.06 -13.40
C30 MUZ D . -12.06 2.50 -12.59
C31 MUZ D . -13.33 1.84 -13.11
C32 MUZ D . -13.19 0.33 -13.13
C33 MUZ D . -11.97 -0.08 -13.93
C34 MUZ D . -4.43 -2.77 -10.07
C35 MUZ D . -3.81 -3.10 -11.27
C36 MUZ D . -2.86 -2.28 -11.84
C37 MUZ D . -2.50 -1.08 -11.23
C38 MUZ D . -1.50 -0.18 -11.84
C39 MUZ D . -3.09 -0.76 -10.01
C40 MUZ D . -4.05 -1.59 -9.44
C7 MUZ D . -6.08 -7.63 -7.02
N1 MUZ D . -9.43 -2.11 -11.70
N2 MUZ D . -8.02 -1.68 -15.00
N3 MUZ D . -1.15 -0.40 -13.11
N4 MUZ D . -1.00 0.80 -11.19
O2 MUZ D . -6.46 -5.32 -7.57
O3 MUZ D . -8.34 -4.11 -15.19
O4 MUZ D . -6.52 -2.98 -16.44
O5 MUZ D . -7.46 -1.17 -12.23
O6 MUZ D . -7.72 -4.15 -11.04
P MUZ D . -5.21 -4.43 -7.93
S MUZ D . -7.31 -3.12 -15.25
C1 NAG E . -21.96 -7.55 0.54
C2 NAG E . -23.32 -6.97 0.14
C3 NAG E . -24.10 -6.55 1.38
C4 NAG E . -24.17 -7.67 2.40
C5 NAG E . -22.76 -8.19 2.70
C6 NAG E . -22.76 -9.38 3.62
C7 NAG E . -23.15 -5.98 -2.10
C8 NAG E . -22.98 -4.73 -2.89
N2 NAG E . -23.16 -5.85 -0.77
O3 NAG E . -25.42 -6.17 0.99
O4 NAG E . -24.76 -7.21 3.60
O5 NAG E . -22.14 -8.61 1.47
O6 NAG E . -22.30 -10.56 2.96
O7 NAG E . -23.27 -7.08 -2.65
NA NA F . -9.30 12.31 -19.96
P PO4 G . -19.23 10.08 -6.75
O1 PO4 G . -19.54 9.05 -5.69
O2 PO4 G . -17.87 9.77 -7.34
O3 PO4 G . -20.29 10.00 -7.84
O4 PO4 G . -19.24 11.46 -6.14
NA NA H . 3.34 4.32 -17.63
S DMS I . -1.28 15.81 -6.67
O DMS I . -2.39 15.20 -7.46
C1 DMS I . -0.30 16.81 -7.82
C2 DMS I . -2.00 17.12 -5.64
S DMS J . 6.34 20.98 7.71
O DMS J . 6.63 22.19 6.88
C1 DMS J . 5.21 21.42 9.05
C2 DMS J . 5.24 19.89 6.77
#